data_9G1J
#
_entry.id   9G1J
#
_cell.length_a   68.081
_cell.length_b   89.922
_cell.length_c   44.893
_cell.angle_alpha   90.000
_cell.angle_beta   90.000
_cell.angle_gamma   90.000
#
_symmetry.space_group_name_H-M   'P 21 21 2'
#
loop_
_entity.id
_entity.type
_entity.pdbx_description
1 polymer 'Fosfomycin resistance protein'
2 non-polymer 1,2-ETHANEDIOL
3 non-polymer 3-methylsulfanyl-1,2,4-triazine
4 non-polymer 'MANGANESE (II) ION'
5 water water
#
_entity_poly.entity_id   1
_entity_poly.type   'polypeptide(L)'
_entity_poly.pdbx_seq_one_letter_code
;MLSGLNHLTLAVSQLAPSVAFYQQLLGMTLHARWDSGAYLSCGDLWLCLSLDPQRRVTPPEESDYTHYAFSISEADFASF
AARLEAAGVAVWKLNRSEGASHYFLDPDGHKLELHVGSLAQRLAACREQPYKGMVFFEQHHHHHH
;
_entity_poly.pdbx_strand_id   A,B
#
loop_
_chem_comp.id
_chem_comp.type
_chem_comp.name
_chem_comp.formula
A1IHX non-polymer 3-methylsulfanyl-1,2,4-triazine 'C4 H5 N3 S'
EDO non-polymer 1,2-ETHANEDIOL 'C2 H6 O2'
MN non-polymer 'MANGANESE (II) ION' 'Mn 2'
#
# COMPACT_ATOMS: atom_id res chain seq x y z
N MET A 1 -19.97 0.31 -0.43
CA MET A 1 -18.86 1.30 -0.29
C MET A 1 -17.53 0.55 -0.35
N LEU A 2 -16.42 1.26 -0.14
CA LEU A 2 -15.13 0.61 -0.06
C LEU A 2 -14.96 -0.01 1.32
N SER A 3 -14.35 -1.20 1.36
N SER A 3 -14.40 -1.21 1.35
CA SER A 3 -14.30 -1.98 2.60
CA SER A 3 -14.15 -1.87 2.63
C SER A 3 -12.90 -2.30 3.11
C SER A 3 -12.81 -2.59 2.55
N GLY A 4 -11.85 -1.88 2.43
N GLY A 4 -11.76 -1.87 2.93
CA GLY A 4 -10.50 -2.13 2.90
CA GLY A 4 -10.45 -2.47 3.06
C GLY A 4 -9.57 -2.23 1.72
C GLY A 4 -9.62 -2.40 1.80
N LEU A 5 -8.35 -2.71 2.01
CA LEU A 5 -7.36 -2.84 0.95
C LEU A 5 -7.54 -4.24 0.37
N ASN A 6 -7.86 -4.31 -0.92
CA ASN A 6 -7.98 -5.59 -1.59
C ASN A 6 -6.62 -6.21 -1.83
N HIS A 7 -5.68 -5.42 -2.34
CA HIS A 7 -4.32 -5.88 -2.53
C HIS A 7 -3.37 -4.70 -2.66
N LEU A 8 -2.10 -4.97 -2.36
CA LEU A 8 -0.98 -4.07 -2.57
C LEU A 8 -0.14 -4.66 -3.68
N THR A 9 0.10 -3.88 -4.74
CA THR A 9 0.96 -4.31 -5.83
C THR A 9 2.19 -3.42 -5.87
N LEU A 10 3.36 -4.05 -5.77
CA LEU A 10 4.64 -3.37 -5.87
C LEU A 10 5.29 -3.74 -7.20
N ALA A 11 5.67 -2.72 -7.96
CA ALA A 11 6.49 -2.95 -9.15
C ALA A 11 7.91 -3.26 -8.72
N VAL A 12 8.50 -4.28 -9.33
CA VAL A 12 9.86 -4.70 -8.99
C VAL A 12 10.69 -4.78 -10.26
N SER A 13 11.99 -4.53 -10.12
CA SER A 13 12.89 -4.56 -11.27
C SER A 13 13.47 -5.94 -11.52
N GLN A 14 13.63 -6.76 -10.48
CA GLN A 14 14.17 -8.11 -10.60
C GLN A 14 13.30 -9.01 -9.73
N LEU A 15 12.59 -9.94 -10.35
CA LEU A 15 11.54 -10.66 -9.63
C LEU A 15 12.11 -11.58 -8.55
N ALA A 16 13.13 -12.35 -8.88
CA ALA A 16 13.61 -13.35 -7.92
C ALA A 16 14.15 -12.72 -6.64
N PRO A 17 15.00 -11.69 -6.70
N PRO A 17 15.04 -11.72 -6.70
CA PRO A 17 15.45 -11.05 -5.44
CA PRO A 17 15.46 -11.05 -5.46
C PRO A 17 14.32 -10.46 -4.64
C PRO A 17 14.30 -10.48 -4.66
N SER A 18 13.28 -9.93 -5.30
N SER A 18 13.30 -9.92 -5.32
CA SER A 18 12.15 -9.38 -4.57
CA SER A 18 12.13 -9.38 -4.61
C SER A 18 11.34 -10.48 -3.91
C SER A 18 11.36 -10.49 -3.91
N VAL A 19 11.08 -11.59 -4.62
CA VAL A 19 10.39 -12.70 -4.00
C VAL A 19 11.18 -13.20 -2.79
N ALA A 20 12.50 -13.31 -2.93
CA ALA A 20 13.32 -13.77 -1.81
C ALA A 20 13.24 -12.82 -0.64
N PHE A 21 13.22 -11.52 -0.89
CA PHE A 21 13.14 -10.54 0.19
C PHE A 21 11.83 -10.69 0.97
N TYR A 22 10.70 -10.74 0.26
CA TYR A 22 9.41 -10.78 0.96
C TYR A 22 9.15 -12.15 1.59
N GLN A 23 9.55 -13.22 0.90
CA GLN A 23 9.29 -14.56 1.42
C GLN A 23 10.37 -15.00 2.42
N GLN A 24 11.64 -15.00 2.00
CA GLN A 24 12.68 -15.53 2.87
C GLN A 24 13.01 -14.58 4.01
N LEU A 25 13.21 -13.30 3.70
CA LEU A 25 13.69 -12.39 4.73
C LEU A 25 12.54 -11.91 5.62
N LEU A 26 11.42 -11.54 5.01
CA LEU A 26 10.31 -11.02 5.81
C LEU A 26 9.32 -12.10 6.25
N GLY A 27 9.42 -13.31 5.73
CA GLY A 27 8.60 -14.40 6.22
C GLY A 27 7.19 -14.48 5.68
N MET A 28 6.89 -13.76 4.61
CA MET A 28 5.58 -13.80 4.00
C MET A 28 5.38 -15.13 3.27
N THR A 29 4.12 -15.48 3.05
CA THR A 29 3.77 -16.76 2.44
C THR A 29 3.70 -16.59 0.93
N LEU A 30 4.50 -17.37 0.20
CA LEU A 30 4.48 -17.37 -1.25
C LEU A 30 3.45 -18.38 -1.74
N HIS A 31 2.48 -17.90 -2.54
CA HIS A 31 1.44 -18.77 -3.06
C HIS A 31 1.67 -19.18 -4.51
N ALA A 32 2.22 -18.29 -5.32
CA ALA A 32 2.45 -18.59 -6.72
C ALA A 32 3.44 -17.59 -7.27
N ARG A 33 4.18 -18.01 -8.28
CA ARG A 33 5.02 -17.10 -9.05
C ARG A 33 4.97 -17.50 -10.51
N TRP A 34 5.21 -16.53 -11.37
CA TRP A 34 5.23 -16.75 -12.81
C TRP A 34 6.31 -15.86 -13.41
N ASP A 35 6.42 -15.87 -14.73
CA ASP A 35 7.56 -15.21 -15.34
C ASP A 35 7.58 -13.72 -15.04
N SER A 36 6.43 -13.12 -14.74
N SER A 36 6.44 -13.10 -14.75
CA SER A 36 6.31 -11.67 -14.60
CA SER A 36 6.39 -11.66 -14.56
C SER A 36 5.76 -11.23 -13.25
C SER A 36 5.73 -11.24 -13.26
N GLY A 37 5.63 -12.13 -12.28
CA GLY A 37 5.11 -11.70 -10.99
C GLY A 37 5.05 -12.79 -9.96
N ALA A 38 4.53 -12.42 -8.80
CA ALA A 38 4.31 -13.36 -7.71
C ALA A 38 3.18 -12.88 -6.83
N TYR A 39 2.50 -13.83 -6.19
CA TYR A 39 1.46 -13.56 -5.22
C TYR A 39 1.90 -14.08 -3.86
N LEU A 40 1.88 -13.22 -2.86
CA LEU A 40 2.20 -13.57 -1.49
C LEU A 40 1.09 -13.09 -0.59
N SER A 41 1.05 -13.62 0.62
CA SER A 41 0.18 -13.10 1.65
C SER A 41 0.96 -12.84 2.92
N CYS A 42 0.48 -11.88 3.69
CA CYS A 42 1.04 -11.52 4.98
C CYS A 42 -0.20 -11.36 5.86
N GLY A 43 -0.52 -12.39 6.63
CA GLY A 43 -1.83 -12.39 7.28
C GLY A 43 -2.90 -12.27 6.22
N ASP A 44 -3.79 -11.29 6.40
N ASP A 44 -3.79 -11.31 6.40
CA ASP A 44 -4.87 -11.06 5.45
CA ASP A 44 -4.87 -11.05 5.45
C ASP A 44 -4.44 -10.26 4.23
C ASP A 44 -4.48 -10.15 4.28
N LEU A 45 -3.25 -9.65 4.25
CA LEU A 45 -2.80 -8.85 3.11
C LEU A 45 -2.46 -9.72 1.89
N TRP A 46 -3.01 -9.36 0.74
CA TRP A 46 -2.62 -9.91 -0.55
C TRP A 46 -1.59 -8.96 -1.15
N LEU A 47 -0.36 -9.46 -1.29
CA LEU A 47 0.74 -8.72 -1.89
C LEU A 47 1.03 -9.30 -3.26
N CYS A 48 1.06 -8.44 -4.27
N CYS A 48 1.05 -8.46 -4.28
CA CYS A 48 1.48 -8.79 -5.62
CA CYS A 48 1.49 -8.84 -5.62
C CYS A 48 2.81 -8.12 -5.91
C CYS A 48 2.79 -8.12 -5.95
N LEU A 49 3.78 -8.90 -6.36
CA LEU A 49 5.01 -8.36 -6.92
C LEU A 49 4.90 -8.46 -8.44
N SER A 50 5.08 -7.34 -9.13
CA SER A 50 4.88 -7.27 -10.57
C SER A 50 6.16 -6.81 -11.23
N LEU A 51 6.75 -7.68 -12.05
CA LEU A 51 7.96 -7.33 -12.76
C LEU A 51 7.64 -6.20 -13.73
N ASP A 52 8.32 -5.08 -13.59
CA ASP A 52 8.02 -3.88 -14.37
C ASP A 52 9.32 -3.31 -14.90
N PRO A 53 9.55 -3.32 -16.22
CA PRO A 53 10.77 -2.70 -16.74
C PRO A 53 10.90 -1.22 -16.41
N GLN A 54 9.80 -0.56 -16.01
N GLN A 54 9.81 -0.57 -16.01
CA GLN A 54 9.85 0.85 -15.64
CA GLN A 54 9.87 0.85 -15.66
C GLN A 54 10.34 1.06 -14.22
C GLN A 54 10.19 1.09 -14.18
N ARG A 55 10.28 0.04 -13.36
CA ARG A 55 10.72 0.22 -11.97
C ARG A 55 12.21 0.51 -11.88
N ARG A 56 12.55 1.57 -11.17
CA ARG A 56 13.94 1.90 -10.89
C ARG A 56 14.27 1.68 -9.42
N VAL A 57 15.50 1.23 -9.18
CA VAL A 57 16.02 1.18 -7.82
C VAL A 57 16.22 2.62 -7.38
N THR A 58 15.48 3.02 -6.34
CA THR A 58 15.32 4.43 -6.02
C THR A 58 15.87 4.72 -4.64
N PRO A 59 16.90 5.55 -4.50
CA PRO A 59 17.39 5.89 -3.17
C PRO A 59 16.34 6.66 -2.39
N PRO A 60 16.35 6.54 -1.07
CA PRO A 60 15.24 7.09 -0.28
C PRO A 60 15.17 8.61 -0.31
N GLU A 61 16.27 9.29 -0.58
CA GLU A 61 16.26 10.74 -0.69
C GLU A 61 15.63 11.22 -1.99
N GLU A 62 15.37 10.33 -2.94
N GLU A 62 15.39 10.32 -2.94
CA GLU A 62 14.78 10.69 -4.21
CA GLU A 62 14.79 10.63 -4.23
C GLU A 62 13.37 10.11 -4.39
C GLU A 62 13.30 10.31 -4.29
N SER A 63 12.79 9.57 -3.33
CA SER A 63 11.36 9.29 -3.28
C SER A 63 10.67 10.03 -2.14
N ASP A 64 9.35 10.20 -2.28
CA ASP A 64 8.55 10.86 -1.26
C ASP A 64 8.26 9.90 -0.11
N TYR A 65 7.46 10.36 0.84
CA TYR A 65 7.23 9.64 2.09
C TYR A 65 6.25 8.47 1.96
N THR A 66 5.70 8.21 0.78
CA THR A 66 4.79 7.08 0.62
C THR A 66 5.47 5.80 1.12
N HIS A 67 4.78 5.04 1.98
CA HIS A 67 5.41 3.86 2.56
C HIS A 67 4.35 2.87 3.04
N TYR A 68 4.80 1.64 3.30
CA TYR A 68 3.94 0.51 3.60
C TYR A 68 4.43 -0.11 4.90
N ALA A 69 3.57 -0.14 5.91
CA ALA A 69 3.92 -0.63 7.24
C ALA A 69 3.25 -1.98 7.48
N PHE A 70 4.02 -2.90 8.06
CA PHE A 70 3.55 -4.23 8.40
C PHE A 70 3.46 -4.37 9.91
N SER A 71 2.42 -5.06 10.36
CA SER A 71 2.19 -5.24 11.78
C SER A 71 3.08 -6.32 12.34
N ILE A 72 3.59 -6.05 13.55
CA ILE A 72 4.39 -7.02 14.30
C ILE A 72 4.09 -6.79 15.76
N SER A 73 4.21 -7.85 16.55
CA SER A 73 3.87 -7.76 17.97
C SER A 73 4.99 -7.07 18.73
N GLU A 74 4.63 -6.54 19.90
CA GLU A 74 5.62 -5.95 20.80
C GLU A 74 6.71 -6.95 21.14
N ALA A 75 6.34 -8.23 21.29
CA ALA A 75 7.33 -9.24 21.68
C ALA A 75 8.34 -9.54 20.57
N ASP A 76 7.93 -9.43 19.30
CA ASP A 76 8.78 -9.79 18.18
C ASP A 76 9.51 -8.61 17.55
N PHE A 77 9.10 -7.38 17.86
CA PHE A 77 9.54 -6.20 17.10
C PHE A 77 11.06 -6.05 17.09
N ALA A 78 11.67 -6.00 18.27
CA ALA A 78 13.09 -5.63 18.35
C ALA A 78 13.98 -6.68 17.69
N SER A 79 13.69 -7.96 17.91
N SER A 79 13.68 -7.96 17.93
CA SER A 79 14.56 -8.98 17.33
CA SER A 79 14.50 -9.02 17.34
C SER A 79 14.42 -9.05 15.81
C SER A 79 14.43 -9.00 15.82
N PHE A 80 13.23 -8.75 15.27
CA PHE A 80 13.04 -8.73 13.82
C PHE A 80 13.79 -7.55 13.23
N ALA A 81 13.65 -6.36 13.84
CA ALA A 81 14.41 -5.20 13.38
C ALA A 81 15.91 -5.47 13.44
N ALA A 82 16.39 -6.07 14.53
CA ALA A 82 17.82 -6.31 14.66
C ALA A 82 18.30 -7.30 13.62
N ARG A 83 17.47 -8.29 13.29
CA ARG A 83 17.83 -9.26 12.26
C ARG A 83 17.94 -8.60 10.89
N LEU A 84 17.01 -7.70 10.57
CA LEU A 84 17.12 -6.96 9.31
C LEU A 84 18.39 -6.12 9.29
N GLU A 85 18.70 -5.46 10.41
CA GLU A 85 19.93 -4.68 10.50
C GLU A 85 21.15 -5.55 10.26
N ALA A 86 21.23 -6.68 10.95
CA ALA A 86 22.38 -7.56 10.81
C ALA A 86 22.48 -8.12 9.40
N ALA A 87 21.36 -8.27 8.71
CA ALA A 87 21.35 -8.75 7.33
C ALA A 87 21.74 -7.68 6.32
N GLY A 88 21.99 -6.44 6.77
CA GLY A 88 22.42 -5.39 5.86
C GLY A 88 21.30 -4.67 5.15
N VAL A 89 20.06 -4.81 5.59
CA VAL A 89 18.93 -4.14 4.95
C VAL A 89 19.05 -2.64 5.17
N ALA A 90 18.95 -1.88 4.07
CA ALA A 90 19.10 -0.44 4.14
C ALA A 90 17.92 0.21 4.83
N VAL A 91 18.16 1.38 5.39
N VAL A 91 18.16 1.39 5.43
CA VAL A 91 17.16 2.09 6.15
CA VAL A 91 17.18 2.09 6.26
C VAL A 91 16.84 3.39 5.45
C VAL A 91 17.02 3.51 5.73
N TRP A 92 15.86 4.09 6.00
CA TRP A 92 15.45 5.34 5.41
C TRP A 92 14.94 6.31 6.45
N LYS A 93 14.78 5.87 7.70
CA LYS A 93 14.31 6.80 8.72
C LYS A 93 14.66 6.22 10.08
N LEU A 94 15.01 7.12 10.99
CA LEU A 94 15.46 6.76 12.33
C LEU A 94 14.59 7.34 13.43
N ASN A 95 13.99 8.52 13.23
CA ASN A 95 13.19 9.19 14.24
C ASN A 95 11.82 8.54 14.32
N ARG A 96 11.45 8.09 15.53
CA ARG A 96 10.18 7.41 15.75
C ARG A 96 9.11 8.48 15.98
N SER A 97 8.58 9.00 14.88
CA SER A 97 7.58 10.06 14.93
C SER A 97 6.15 9.54 14.99
N GLU A 98 5.94 8.23 14.88
CA GLU A 98 4.62 7.62 14.90
C GLU A 98 4.62 6.33 15.71
N GLY A 99 5.35 6.33 16.82
CA GLY A 99 5.37 5.18 17.71
C GLY A 99 6.55 4.26 17.45
N ALA A 100 6.35 3.01 17.84
CA ALA A 100 7.40 1.99 17.75
C ALA A 100 7.45 1.48 16.32
N SER A 101 8.45 1.94 15.55
CA SER A 101 8.57 1.63 14.15
C SER A 101 10.03 1.44 13.77
N HIS A 102 10.26 0.55 12.81
CA HIS A 102 11.57 0.39 12.17
C HIS A 102 11.37 0.61 10.68
N TYR A 103 12.16 1.50 10.09
CA TYR A 103 12.00 1.91 8.70
C TYR A 103 13.11 1.31 7.85
N PHE A 104 12.72 0.54 6.83
CA PHE A 104 13.69 -0.17 6.01
C PHE A 104 13.23 -0.18 4.56
N LEU A 105 14.17 -0.47 3.67
CA LEU A 105 13.96 -0.43 2.23
C LEU A 105 13.99 -1.84 1.62
N ASP A 106 13.14 -2.07 0.63
CA ASP A 106 13.19 -3.29 -0.16
C ASP A 106 14.24 -3.11 -1.26
N PRO A 107 14.50 -4.16 -2.04
CA PRO A 107 15.62 -4.09 -3.00
C PRO A 107 15.48 -2.99 -4.04
N ASP A 108 14.26 -2.55 -4.33
CA ASP A 108 14.04 -1.47 -5.27
C ASP A 108 13.87 -0.12 -4.60
N GLY A 109 14.02 -0.06 -3.29
CA GLY A 109 13.83 1.18 -2.58
C GLY A 109 12.41 1.47 -2.17
N HIS A 110 11.48 0.53 -2.33
CA HIS A 110 10.18 0.71 -1.72
C HIS A 110 10.35 0.93 -0.23
N LYS A 111 9.68 1.94 0.30
CA LYS A 111 9.81 2.30 1.70
C LYS A 111 8.86 1.45 2.55
N LEU A 112 9.45 0.64 3.43
CA LEU A 112 8.72 -0.28 4.28
C LEU A 112 8.92 0.10 5.74
N GLU A 113 8.10 -0.50 6.61
CA GLU A 113 8.11 -0.22 8.03
C GLU A 113 7.58 -1.42 8.78
N LEU A 114 8.21 -1.71 9.91
CA LEU A 114 7.63 -2.56 10.95
C LEU A 114 7.00 -1.63 11.98
N HIS A 115 5.76 -1.89 12.35
CA HIS A 115 5.11 -1.03 13.35
C HIS A 115 4.33 -1.87 14.35
N VAL A 116 4.46 -1.49 15.62
CA VAL A 116 3.71 -2.08 16.72
C VAL A 116 2.55 -1.15 17.05
N GLY A 117 1.33 -1.64 16.89
CA GLY A 117 0.17 -0.87 17.33
C GLY A 117 -0.86 -0.59 16.27
N SER A 118 -2.11 -0.43 16.70
CA SER A 118 -3.24 -0.17 15.85
C SER A 118 -3.48 1.33 15.69
N LEU A 119 -4.41 1.67 14.79
CA LEU A 119 -4.84 3.05 14.65
C LEU A 119 -5.43 3.58 15.95
N ALA A 120 -6.27 2.78 16.62
CA ALA A 120 -6.84 3.21 17.89
C ALA A 120 -5.75 3.53 18.89
N GLN A 121 -4.70 2.71 18.96
CA GLN A 121 -3.62 2.96 19.90
C GLN A 121 -2.84 4.21 19.50
N ARG A 122 -2.65 4.43 18.20
N ARG A 122 -2.61 4.40 18.20
CA ARG A 122 -1.95 5.63 17.76
CA ARG A 122 -1.97 5.62 17.71
C ARG A 122 -2.75 6.89 18.08
C ARG A 122 -2.76 6.85 18.14
N LEU A 123 -4.07 6.84 17.91
CA LEU A 123 -4.90 7.99 18.25
C LEU A 123 -4.82 8.27 19.74
N ALA A 124 -4.87 7.23 20.56
CA ALA A 124 -4.77 7.43 22.00
C ALA A 124 -3.43 8.04 22.38
N ALA A 125 -2.33 7.56 21.77
CA ALA A 125 -1.03 8.13 22.04
C ALA A 125 -0.97 9.58 21.59
N CYS A 126 -1.62 9.89 20.46
CA CYS A 126 -1.59 11.24 19.92
C CYS A 126 -2.38 12.21 20.77
N ARG A 127 -3.41 11.74 21.46
CA ARG A 127 -4.13 12.64 22.36
C ARG A 127 -3.22 13.19 23.44
N GLU A 128 -2.23 12.40 23.89
CA GLU A 128 -1.31 12.83 24.93
C GLU A 128 -0.14 13.61 24.35
N GLN A 129 0.30 13.24 23.15
CA GLN A 129 1.45 13.83 22.48
C GLN A 129 1.04 14.09 21.04
N PRO A 130 0.19 15.08 20.83
CA PRO A 130 -0.40 15.29 19.51
C PRO A 130 0.57 15.91 18.52
N TYR A 131 0.34 15.64 17.24
N TYR A 131 0.30 15.65 17.25
CA TYR A 131 1.03 16.37 16.19
CA TYR A 131 0.95 16.42 16.20
C TYR A 131 0.48 17.80 16.16
C TYR A 131 0.52 17.88 16.29
N LYS A 132 1.32 18.75 15.69
CA LYS A 132 0.94 20.16 15.69
C LYS A 132 -0.36 20.38 14.93
N GLY A 133 -1.29 21.07 15.57
CA GLY A 133 -2.57 21.40 14.96
C GLY A 133 -3.57 20.27 14.92
N MET A 134 -3.37 19.22 15.71
CA MET A 134 -4.14 18.02 15.50
C MET A 134 -5.53 18.13 16.10
N VAL A 135 -6.51 17.67 15.32
N VAL A 135 -6.52 17.67 15.33
CA VAL A 135 -7.92 17.62 15.70
CA VAL A 135 -7.91 17.64 15.74
C VAL A 135 -8.37 16.18 15.57
C VAL A 135 -8.40 16.20 15.56
N PHE A 136 -9.23 15.75 16.48
CA PHE A 136 -9.76 14.39 16.49
C PHE A 136 -11.25 14.47 16.19
N PHE A 137 -11.72 13.57 15.34
CA PHE A 137 -13.13 13.56 14.98
C PHE A 137 -13.84 12.38 15.65
N MET B 1 7.36 -12.27 13.63
CA MET B 1 6.48 -12.62 12.49
C MET B 1 5.53 -11.48 12.13
N LEU B 2 5.38 -11.20 10.84
CA LEU B 2 4.50 -10.12 10.40
C LEU B 2 3.08 -10.65 10.26
N SER B 3 2.10 -9.87 10.73
CA SER B 3 0.73 -10.35 10.82
C SER B 3 -0.24 -9.68 9.86
N GLY B 4 0.21 -8.72 9.06
CA GLY B 4 -0.66 -8.07 8.12
C GLY B 4 -0.11 -6.69 7.76
N LEU B 5 -0.90 -5.98 6.97
CA LEU B 5 -0.60 -4.58 6.68
C LEU B 5 -1.04 -3.73 7.86
N ASN B 6 -0.11 -2.98 8.44
CA ASN B 6 -0.45 -2.11 9.55
C ASN B 6 -1.06 -0.80 9.08
N HIS B 7 -0.39 -0.12 8.16
CA HIS B 7 -0.95 1.08 7.54
C HIS B 7 -0.33 1.32 6.18
N LEU B 8 -1.08 2.05 5.36
CA LEU B 8 -0.62 2.58 4.08
C LEU B 8 -0.51 4.09 4.23
N THR B 9 0.66 4.63 3.90
CA THR B 9 0.86 6.08 3.95
C THR B 9 1.13 6.60 2.55
N LEU B 10 0.32 7.57 2.13
CA LEU B 10 0.47 8.23 0.85
C LEU B 10 0.99 9.64 1.06
N ALA B 11 2.11 9.97 0.42
CA ALA B 11 2.58 11.35 0.39
C ALA B 11 1.68 12.17 -0.52
N VAL B 12 1.25 13.33 -0.05
CA VAL B 12 0.35 14.20 -0.80
C VAL B 12 0.95 15.59 -0.90
N SER B 13 0.68 16.26 -2.01
CA SER B 13 1.23 17.61 -2.22
C SER B 13 0.35 18.69 -1.60
N GLN B 14 -0.96 18.46 -1.50
CA GLN B 14 -1.87 19.41 -0.88
C GLN B 14 -2.85 18.64 -0.02
N LEU B 15 -2.92 18.95 1.27
CA LEU B 15 -3.68 18.10 2.18
C LEU B 15 -5.17 18.23 1.96
N ALA B 16 -5.68 19.44 1.78
CA ALA B 16 -7.13 19.62 1.66
C ALA B 16 -7.72 18.82 0.50
N PRO B 17 -7.22 18.91 -0.73
CA PRO B 17 -7.83 18.12 -1.81
C PRO B 17 -7.68 16.62 -1.60
N SER B 18 -6.61 16.18 -0.95
CA SER B 18 -6.46 14.75 -0.70
C SER B 18 -7.46 14.27 0.34
N VAL B 19 -7.66 15.05 1.41
CA VAL B 19 -8.69 14.69 2.38
C VAL B 19 -10.07 14.65 1.69
N ALA B 20 -10.36 15.65 0.86
CA ALA B 20 -11.65 15.65 0.17
C ALA B 20 -11.81 14.39 -0.69
N PHE B 21 -10.75 13.98 -1.38
CA PHE B 21 -10.82 12.82 -2.26
C PHE B 21 -11.08 11.55 -1.46
N TYR B 22 -10.29 11.29 -0.41
CA TYR B 22 -10.41 10.03 0.32
C TYR B 22 -11.64 10.00 1.22
N GLN B 23 -11.94 11.12 1.89
CA GLN B 23 -13.09 11.17 2.78
C GLN B 23 -14.40 11.35 2.01
N GLN B 24 -14.51 12.42 1.23
CA GLN B 24 -15.80 12.76 0.64
C GLN B 24 -16.08 11.95 -0.61
N LEU B 25 -15.14 11.90 -1.55
CA LEU B 25 -15.42 11.17 -2.79
C LEU B 25 -15.41 9.66 -2.55
N LEU B 26 -14.35 9.15 -1.91
N LEU B 26 -14.36 9.16 -1.89
CA LEU B 26 -14.23 7.71 -1.72
CA LEU B 26 -14.24 7.71 -1.71
C LEU B 26 -14.98 7.19 -0.49
C LEU B 26 -14.94 7.18 -0.46
N GLY B 27 -15.41 8.06 0.42
CA GLY B 27 -16.22 7.64 1.55
C GLY B 27 -15.50 7.06 2.75
N MET B 28 -14.20 7.27 2.86
CA MET B 28 -13.41 6.79 3.98
C MET B 28 -13.68 7.64 5.22
N THR B 29 -13.45 7.05 6.38
CA THR B 29 -13.72 7.72 7.65
C THR B 29 -12.50 8.51 8.09
N LEU B 30 -12.69 9.80 8.33
CA LEU B 30 -11.62 10.68 8.79
C LEU B 30 -11.59 10.67 10.32
N HIS B 31 -10.48 10.20 10.89
CA HIS B 31 -10.35 10.11 12.35
C HIS B 31 -9.60 11.27 12.96
N ALA B 32 -8.62 11.83 12.24
CA ALA B 32 -7.85 12.93 12.80
C ALA B 32 -7.14 13.63 11.65
N ARG B 33 -6.85 14.90 11.86
CA ARG B 33 -6.11 15.69 10.91
C ARG B 33 -5.22 16.65 11.70
N TRP B 34 -4.03 16.90 11.17
CA TRP B 34 -3.10 17.86 11.77
C TRP B 34 -2.51 18.69 10.64
N ASP B 35 -1.63 19.62 11.02
CA ASP B 35 -1.14 20.57 10.04
C ASP B 35 -0.50 19.88 8.84
N SER B 36 0.06 18.69 9.03
CA SER B 36 0.79 18.04 7.94
C SER B 36 0.31 16.62 7.66
N GLY B 37 -0.90 16.26 8.02
CA GLY B 37 -1.39 14.95 7.63
C GLY B 37 -2.77 14.65 8.15
N ALA B 38 -3.21 13.42 7.87
CA ALA B 38 -4.52 12.96 8.29
C ALA B 38 -4.49 11.44 8.42
N TYR B 39 -5.34 10.94 9.32
CA TYR B 39 -5.58 9.52 9.48
C TYR B 39 -7.01 9.19 9.09
N LEU B 40 -7.17 8.22 8.20
CA LEU B 40 -8.48 7.74 7.78
C LEU B 40 -8.51 6.22 7.90
N SER B 41 -9.72 5.67 7.91
CA SER B 41 -9.88 4.23 7.86
C SER B 41 -10.86 3.87 6.76
N CYS B 42 -10.66 2.67 6.20
CA CYS B 42 -11.50 2.10 5.16
C CYS B 42 -11.58 0.62 5.51
N GLY B 43 -12.66 0.20 6.15
CA GLY B 43 -12.67 -1.13 6.72
C GLY B 43 -11.50 -1.27 7.68
N ASP B 44 -10.73 -2.34 7.53
N ASP B 44 -10.73 -2.35 7.52
CA ASP B 44 -9.56 -2.55 8.39
CA ASP B 44 -9.55 -2.57 8.37
C ASP B 44 -8.30 -1.87 7.86
C ASP B 44 -8.37 -1.71 7.97
N LEU B 45 -8.40 -1.07 6.80
CA LEU B 45 -7.24 -0.31 6.34
C LEU B 45 -7.10 0.98 7.14
N TRP B 46 -5.92 1.18 7.72
CA TRP B 46 -5.49 2.45 8.29
C TRP B 46 -4.70 3.18 7.21
N LEU B 47 -5.24 4.30 6.76
CA LEU B 47 -4.63 5.13 5.73
C LEU B 47 -4.12 6.41 6.36
N CYS B 48 -2.87 6.76 6.06
N CYS B 48 -2.86 6.75 6.06
CA CYS B 48 -2.30 8.02 6.47
CA CYS B 48 -2.27 8.01 6.46
C CYS B 48 -1.99 8.85 5.24
C CYS B 48 -2.00 8.85 5.21
N LEU B 49 -2.46 10.09 5.23
CA LEU B 49 -2.08 11.09 4.23
C LEU B 49 -1.02 11.96 4.88
N SER B 50 0.15 12.08 4.24
CA SER B 50 1.26 12.82 4.80
C SER B 50 1.63 13.93 3.82
N LEU B 51 1.45 15.17 4.27
CA LEU B 51 1.81 16.32 3.46
C LEU B 51 3.32 16.33 3.25
N ASP B 52 3.74 16.31 1.99
CA ASP B 52 5.15 16.16 1.65
C ASP B 52 5.50 17.07 0.48
N PRO B 53 6.31 18.11 0.68
N PRO B 53 6.30 18.12 0.69
CA PRO B 53 6.65 18.97 -0.47
CA PRO B 53 6.77 18.92 -0.46
C PRO B 53 7.41 18.24 -1.56
C PRO B 53 7.58 18.12 -1.47
N GLN B 54 7.98 17.07 -1.25
N GLN B 54 8.02 16.91 -1.13
CA GLN B 54 8.65 16.28 -2.27
CA GLN B 54 8.67 16.05 -2.11
C GLN B 54 7.68 15.51 -3.16
C GLN B 54 7.69 15.50 -3.13
N ARG B 55 6.41 15.43 -2.81
CA ARG B 55 5.46 14.75 -3.67
C ARG B 55 5.22 15.54 -4.95
N ARG B 56 5.42 14.90 -6.09
N ARG B 56 5.45 14.89 -6.09
CA ARG B 56 5.15 15.48 -7.39
CA ARG B 56 5.15 15.45 -7.40
C ARG B 56 3.84 14.95 -7.93
C ARG B 56 3.80 14.95 -7.88
N VAL B 57 3.04 15.83 -8.53
CA VAL B 57 1.82 15.41 -9.21
C VAL B 57 2.28 14.66 -10.45
N THR B 58 2.11 13.35 -10.46
CA THR B 58 2.87 12.49 -11.36
C THR B 58 1.98 11.88 -12.42
N PRO B 59 2.19 12.19 -13.70
CA PRO B 59 1.40 11.56 -14.75
C PRO B 59 1.57 10.04 -14.71
N PRO B 60 0.52 9.30 -15.07
CA PRO B 60 0.60 7.83 -14.94
C PRO B 60 1.65 7.20 -15.84
N GLU B 61 1.95 7.83 -16.98
CA GLU B 61 3.02 7.35 -17.85
C GLU B 61 4.39 7.48 -17.21
N GLU B 62 4.52 8.29 -16.17
CA GLU B 62 5.82 8.54 -15.55
C GLU B 62 5.99 7.82 -14.21
N SER B 63 5.05 7.00 -13.81
CA SER B 63 5.21 6.17 -12.63
C SER B 63 5.09 4.70 -13.03
N ASP B 64 5.68 3.85 -12.19
CA ASP B 64 5.63 2.42 -12.41
C ASP B 64 4.27 1.87 -11.99
N TYR B 65 4.14 0.55 -12.04
N TYR B 65 4.14 0.55 -12.04
CA TYR B 65 2.86 -0.14 -11.87
CA TYR B 65 2.86 -0.13 -11.87
C TYR B 65 2.45 -0.31 -10.41
C TYR B 65 2.45 -0.31 -10.41
N THR B 66 3.26 0.17 -9.45
CA THR B 66 2.88 0.09 -8.05
C THR B 66 1.51 0.73 -7.85
N HIS B 67 0.61 0.01 -7.19
CA HIS B 67 -0.75 0.51 -7.02
C HIS B 67 -1.45 -0.11 -5.83
N TYR B 68 -2.56 0.53 -5.43
CA TYR B 68 -3.30 0.21 -4.22
C TYR B 68 -4.75 -0.05 -4.59
N ALA B 69 -5.22 -1.27 -4.36
CA ALA B 69 -6.56 -1.69 -4.73
C ALA B 69 -7.44 -1.78 -3.49
N PHE B 70 -8.63 -1.19 -3.57
CA PHE B 70 -9.62 -1.23 -2.51
C PHE B 70 -10.73 -2.21 -2.86
N SER B 71 -11.25 -2.88 -1.85
CA SER B 71 -12.30 -3.86 -2.05
C SER B 71 -13.67 -3.19 -2.14
N ILE B 72 -14.52 -3.72 -3.02
CA ILE B 72 -15.89 -3.29 -3.19
C ILE B 72 -16.67 -4.52 -3.65
N SER B 73 -17.95 -4.58 -3.30
CA SER B 73 -18.75 -5.69 -3.75
C SER B 73 -19.07 -5.57 -5.23
N GLU B 74 -19.31 -6.71 -5.88
CA GLU B 74 -19.78 -6.67 -7.26
C GLU B 74 -21.01 -5.78 -7.42
N ALA B 75 -21.94 -5.88 -6.47
CA ALA B 75 -23.20 -5.14 -6.58
C ALA B 75 -22.98 -3.63 -6.55
N ASP B 76 -21.95 -3.16 -5.83
CA ASP B 76 -21.70 -1.74 -5.67
C ASP B 76 -20.74 -1.18 -6.72
N PHE B 77 -20.06 -2.05 -7.47
CA PHE B 77 -18.94 -1.64 -8.31
C PHE B 77 -19.34 -0.60 -9.35
N ALA B 78 -20.39 -0.88 -10.13
CA ALA B 78 -20.68 -0.02 -11.28
C ALA B 78 -21.09 1.38 -10.83
N SER B 79 -21.87 1.50 -9.75
N SER B 79 -21.89 1.48 -9.76
CA SER B 79 -22.28 2.83 -9.33
CA SER B 79 -22.29 2.78 -9.25
C SER B 79 -21.09 3.60 -8.75
C SER B 79 -21.08 3.58 -8.77
N PHE B 80 -20.14 2.91 -8.10
CA PHE B 80 -18.97 3.61 -7.59
C PHE B 80 -18.08 4.09 -8.72
N ALA B 81 -17.87 3.24 -9.73
CA ALA B 81 -17.12 3.67 -10.91
C ALA B 81 -17.80 4.87 -11.56
N ALA B 82 -19.13 4.86 -11.64
CA ALA B 82 -19.85 5.97 -12.26
C ALA B 82 -19.68 7.25 -11.44
N ARG B 83 -19.64 7.13 -10.12
CA ARG B 83 -19.36 8.28 -9.26
C ARG B 83 -18.00 8.87 -9.56
N LEU B 84 -16.98 8.02 -9.66
CA LEU B 84 -15.66 8.53 -10.01
C LEU B 84 -15.65 9.19 -11.37
N GLU B 85 -16.37 8.59 -12.34
N GLU B 85 -16.36 8.60 -12.35
CA GLU B 85 -16.42 9.20 -13.68
CA GLU B 85 -16.42 9.20 -13.68
C GLU B 85 -17.13 10.55 -13.64
C GLU B 85 -17.12 10.55 -13.63
N ALA B 86 -18.22 10.65 -12.90
CA ALA B 86 -18.93 11.92 -12.80
C ALA B 86 -18.02 12.99 -12.21
N ALA B 87 -17.19 12.62 -11.23
CA ALA B 87 -16.24 13.54 -10.61
C ALA B 87 -15.04 13.84 -11.50
N GLY B 88 -14.95 13.23 -12.67
CA GLY B 88 -13.84 13.52 -13.58
C GLY B 88 -12.54 12.86 -13.20
N VAL B 89 -12.59 11.80 -12.41
CA VAL B 89 -11.37 11.12 -11.98
C VAL B 89 -10.79 10.34 -13.14
N ALA B 90 -9.50 10.51 -13.39
CA ALA B 90 -8.86 9.89 -14.54
C ALA B 90 -8.64 8.40 -14.33
N VAL B 91 -8.75 7.65 -15.43
CA VAL B 91 -8.46 6.22 -15.49
C VAL B 91 -7.09 6.03 -16.09
N TRP B 92 -6.31 5.11 -15.53
CA TRP B 92 -4.95 4.85 -16.00
C TRP B 92 -4.77 3.51 -16.70
N LYS B 93 -5.81 2.67 -16.76
CA LYS B 93 -5.71 1.33 -17.30
C LYS B 93 -7.12 0.79 -17.50
N LEU B 94 -7.30 -0.01 -18.54
CA LEU B 94 -8.53 -0.79 -18.69
C LEU B 94 -8.37 -2.17 -18.08
N ASN B 95 -9.48 -2.73 -17.60
CA ASN B 95 -9.47 -4.06 -17.02
C ASN B 95 -9.41 -5.15 -18.09
N ARG B 96 -8.48 -6.09 -17.92
CA ARG B 96 -8.33 -7.25 -18.80
C ARG B 96 -8.08 -8.54 -18.00
N SER B 97 -8.36 -8.55 -16.70
N SER B 97 -8.44 -8.59 -16.73
CA SER B 97 -8.11 -9.70 -15.83
CA SER B 97 -8.17 -9.75 -15.89
C SER B 97 -9.43 -10.15 -15.18
C SER B 97 -9.41 -10.07 -15.06
N GLU B 98 -9.34 -11.19 -14.34
CA GLU B 98 -10.55 -11.73 -13.73
C GLU B 98 -10.97 -10.87 -12.55
N GLY B 99 -12.27 -10.72 -12.38
CA GLY B 99 -12.78 -9.84 -11.37
C GLY B 99 -12.88 -8.43 -11.88
N ALA B 100 -13.98 -7.77 -11.57
CA ALA B 100 -14.15 -6.39 -11.94
C ALA B 100 -13.02 -5.55 -11.34
N SER B 101 -12.46 -4.65 -12.15
CA SER B 101 -11.46 -3.70 -11.70
C SER B 101 -11.67 -2.37 -12.41
N HIS B 102 -11.56 -1.28 -11.65
CA HIS B 102 -11.57 0.09 -12.16
C HIS B 102 -10.29 0.75 -11.70
N TYR B 103 -9.50 1.24 -12.65
CA TYR B 103 -8.16 1.76 -12.37
C TYR B 103 -8.19 3.28 -12.46
N PHE B 104 -7.98 3.96 -11.33
CA PHE B 104 -8.15 5.41 -11.26
C PHE B 104 -7.01 6.06 -10.49
N LEU B 105 -6.86 7.37 -10.70
CA LEU B 105 -5.76 8.14 -10.13
C LEU B 105 -6.27 9.07 -9.03
N ASP B 106 -5.46 9.23 -7.98
CA ASP B 106 -5.73 10.21 -6.94
C ASP B 106 -5.17 11.56 -7.39
N PRO B 107 -5.41 12.62 -6.62
CA PRO B 107 -5.01 13.98 -7.06
C PRO B 107 -3.53 14.14 -7.34
N ASP B 108 -2.68 13.32 -6.74
CA ASP B 108 -1.24 13.38 -6.95
C ASP B 108 -0.74 12.35 -7.93
N GLY B 109 -1.64 11.57 -8.52
CA GLY B 109 -1.26 10.53 -9.43
C GLY B 109 -0.98 9.19 -8.80
N HIS B 110 -1.26 9.02 -7.51
CA HIS B 110 -1.18 7.69 -6.95
C HIS B 110 -2.12 6.77 -7.71
N LYS B 111 -1.62 5.59 -8.07
CA LYS B 111 -2.40 4.65 -8.85
C LYS B 111 -3.27 3.80 -7.93
N LEU B 112 -4.59 3.90 -8.11
CA LEU B 112 -5.58 3.22 -7.30
C LEU B 112 -6.39 2.27 -8.18
N GLU B 113 -7.13 1.39 -7.50
CA GLU B 113 -7.95 0.40 -8.18
C GLU B 113 -9.12 0.06 -7.26
N LEU B 114 -10.29 -0.10 -7.86
CA LEU B 114 -11.38 -0.83 -7.23
C LEU B 114 -11.35 -2.24 -7.76
N HIS B 115 -11.36 -3.23 -6.87
CA HIS B 115 -11.35 -4.62 -7.32
C HIS B 115 -12.37 -5.45 -6.55
N VAL B 116 -13.03 -6.34 -7.29
CA VAL B 116 -13.94 -7.33 -6.74
C VAL B 116 -13.24 -8.69 -6.84
N GLY B 117 -13.00 -9.31 -5.69
CA GLY B 117 -12.42 -10.65 -5.69
C GLY B 117 -11.21 -10.77 -4.79
N SER B 118 -11.04 -11.96 -4.21
CA SER B 118 -9.99 -12.22 -3.25
C SER B 118 -8.79 -12.89 -3.90
N LEU B 119 -7.73 -13.05 -3.10
CA LEU B 119 -6.59 -13.82 -3.56
C LEU B 119 -6.98 -15.25 -3.86
N ALA B 120 -7.82 -15.85 -3.01
CA ALA B 120 -8.24 -17.23 -3.25
C ALA B 120 -8.96 -17.36 -4.58
N GLN B 121 -9.80 -16.37 -4.93
CA GLN B 121 -10.48 -16.38 -6.22
C GLN B 121 -9.47 -16.28 -7.36
N ARG B 122 -8.50 -15.37 -7.23
CA ARG B 122 -7.49 -15.22 -8.27
C ARG B 122 -6.68 -16.50 -8.43
N LEU B 123 -6.27 -17.11 -7.32
CA LEU B 123 -5.50 -18.35 -7.39
C LEU B 123 -6.31 -19.46 -8.06
N ALA B 124 -7.60 -19.57 -7.74
CA ALA B 124 -8.42 -20.59 -8.38
C ALA B 124 -8.48 -20.38 -9.89
N ALA B 125 -8.66 -19.13 -10.32
CA ALA B 125 -8.69 -18.85 -11.75
C ALA B 125 -7.35 -19.16 -12.40
N CYS B 126 -6.26 -18.87 -11.70
CA CYS B 126 -4.93 -19.12 -12.24
C CYS B 126 -4.64 -20.62 -12.34
N ARG B 127 -5.12 -21.41 -11.37
N ARG B 127 -5.12 -21.41 -11.38
CA ARG B 127 -4.91 -22.85 -11.46
CA ARG B 127 -4.93 -22.85 -11.45
C ARG B 127 -5.56 -23.42 -12.72
C ARG B 127 -5.55 -23.41 -12.72
N GLU B 128 -6.72 -22.88 -13.11
CA GLU B 128 -7.39 -23.35 -14.32
C GLU B 128 -6.74 -22.83 -15.58
N GLN B 129 -6.13 -21.65 -15.53
CA GLN B 129 -5.55 -21.00 -16.71
C GLN B 129 -4.27 -20.31 -16.27
N PRO B 130 -3.19 -21.07 -16.08
CA PRO B 130 -1.99 -20.49 -15.47
C PRO B 130 -1.31 -19.50 -16.40
N TYR B 131 -0.81 -18.43 -15.79
CA TYR B 131 0.05 -17.50 -16.50
C TYR B 131 1.31 -18.22 -16.99
N LYS B 132 2.01 -17.58 -17.94
CA LYS B 132 3.23 -18.16 -18.49
C LYS B 132 4.28 -18.33 -17.41
N GLY B 133 4.76 -19.56 -17.25
CA GLY B 133 5.77 -19.87 -16.26
C GLY B 133 5.24 -20.04 -14.85
N MET B 134 3.94 -20.20 -14.68
CA MET B 134 3.38 -20.20 -13.34
C MET B 134 3.62 -21.50 -12.60
N VAL B 135 4.02 -21.33 -11.32
N VAL B 135 4.04 -21.36 -11.35
CA VAL B 135 4.27 -22.39 -10.36
CA VAL B 135 4.12 -22.50 -10.44
C VAL B 135 3.47 -22.04 -9.11
C VAL B 135 3.51 -22.10 -9.11
N PHE B 136 2.88 -23.06 -8.46
CA PHE B 136 2.14 -22.86 -7.23
C PHE B 136 2.87 -23.52 -6.07
N PHE B 137 2.64 -23.00 -4.86
CA PHE B 137 3.32 -23.47 -3.67
C PHE B 137 2.30 -23.77 -2.57
C1 EDO C . 4.30 -4.18 -15.76
O1 EDO C . 4.31 -4.47 -14.36
C2 EDO C . 2.91 -3.78 -16.21
O2 EDO C . 1.95 -4.75 -15.76
H11 EDO C . 4.63 -5.07 -16.32
H12 EDO C . 5.01 -3.37 -15.97
HO1 EDO C . 5.19 -4.72 -14.09
H21 EDO C . 2.87 -3.71 -17.30
H22 EDO C . 2.65 -2.81 -15.80
HO2 EDO C . 1.06 -4.49 -16.06
C1 A1IHX D . -1.39 -10.62 -13.05
C6 A1IHX D . -2.83 -7.90 -9.01
C5 A1IHX D . -2.80 -9.21 -9.43
C3 A1IHX D . -1.53 -8.60 -11.18
N4 A1IHX D . -2.15 -9.59 -10.53
N7 A1IHX D . -2.19 -6.96 -9.71
N8 A1IHX D . -1.52 -7.31 -10.82
S2 A1IHX D . -0.64 -9.04 -12.63
H1C A1IHX D . -0.91 -11.03 -13.81
H1A A1IHX D . -2.32 -10.51 -13.32
H1B A1IHX D . -1.35 -11.24 -12.30
H6 A1IHX D . -3.30 -7.60 -8.22
H5 A1IHX D . -3.26 -9.92 -8.94
MN MN E . 4.34 4.69 8.91
MN MN F . -4.28 -4.66 -9.07
#